data_8IH4
#
_entry.id   8IH4
#
_cell.length_a   55.673
_cell.length_b   59.843
_cell.length_c   127.612
_cell.angle_alpha   90.000
_cell.angle_beta   90.000
_cell.angle_gamma   90.000
#
_symmetry.space_group_name_H-M   'P 21 21 21'
#
loop_
_entity.id
_entity.type
_entity.pdbx_description
1 polymer 'Butyrophilin subfamily 2 member A2'
2 water water
#
_entity_poly.entity_id   1
_entity_poly.type   'polypeptide(L)'
_entity_poly.pdbx_seq_one_letter_code
;GAGAGAEELRWRRTFLHAADVVLDPDTAHPELFLSEDRRSVRRGPYRQRVPDNPERFDSQPCVLGRESFASGKHYWEVEV
ENVMVWTVGVCRHSVERKGEVLLIPQNGFWTLEMFGNQYRALSSPERILPLKESLCRVGVFLDYEAGDVSFYNMRDRSHI
YTCPRSAFTVPVRPFFRLGSDDSPIFICPALTGASGVTVPEEGLKLHRVGTHQSL
;
_entity_poly.pdbx_strand_id   A,B
#
# COMPACT_ATOMS: atom_id res chain seq x y z
N ARG A 13 -9.44 14.58 0.21
CA ARG A 13 -9.16 15.25 -1.10
C ARG A 13 -9.40 14.26 -2.24
N THR A 14 -8.38 14.11 -3.09
CA THR A 14 -8.34 13.29 -4.33
C THR A 14 -7.28 12.19 -4.16
N PHE A 15 -6.39 12.38 -3.18
CA PHE A 15 -5.23 11.50 -2.86
C PHE A 15 -5.69 10.42 -1.87
N LEU A 16 -5.09 9.23 -1.99
CA LEU A 16 -5.35 8.07 -1.10
C LEU A 16 -4.41 8.14 0.09
N HIS A 17 -4.96 8.16 1.29
CA HIS A 17 -4.20 8.14 2.56
C HIS A 17 -3.87 6.68 2.93
N ALA A 18 -2.59 6.35 3.02
CA ALA A 18 -2.09 5.10 3.62
C ALA A 18 -2.06 5.31 5.12
N ALA A 19 -3.18 5.03 5.79
CA ALA A 19 -3.40 5.29 7.22
C ALA A 19 -2.41 4.49 8.07
N ASP A 20 -2.01 5.09 9.19
CA ASP A 20 -1.22 4.43 10.27
C ASP A 20 -2.21 4.09 11.38
N VAL A 21 -2.57 2.82 11.51
CA VAL A 21 -3.66 2.37 12.40
C VAL A 21 -3.05 1.66 13.62
N VAL A 22 -3.34 2.20 14.79
CA VAL A 22 -2.97 1.67 16.12
C VAL A 22 -4.27 1.36 16.84
N LEU A 23 -4.32 0.21 17.52
CA LEU A 23 -5.56 -0.28 18.17
C LEU A 23 -5.78 0.53 19.46
N ASP A 24 -7.04 0.82 19.77
CA ASP A 24 -7.47 1.53 20.99
C ASP A 24 -7.76 0.55 22.12
N PRO A 25 -6.88 0.45 23.14
CA PRO A 25 -7.05 -0.50 24.25
C PRO A 25 -8.37 -0.40 25.03
N ASP A 26 -8.95 0.79 25.07
CA ASP A 26 -10.22 1.08 25.78
C ASP A 26 -11.41 0.42 25.07
N THR A 27 -11.26 0.07 23.78
CA THR A 27 -12.37 -0.53 23.01
C THR A 27 -12.30 -2.05 23.12
N ALA A 28 -11.11 -2.56 23.40
CA ALA A 28 -10.79 -3.99 23.22
C ALA A 28 -11.54 -4.84 24.26
N HIS A 29 -12.29 -5.82 23.76
CA HIS A 29 -12.94 -6.89 24.55
C HIS A 29 -11.91 -7.50 25.49
N PRO A 30 -12.26 -7.84 26.75
CA PRO A 30 -11.28 -8.31 27.72
C PRO A 30 -10.46 -9.57 27.37
N GLU A 31 -10.92 -10.39 26.44
CA GLU A 31 -10.17 -11.60 26.00
C GLU A 31 -9.17 -11.23 24.91
N LEU A 32 -9.15 -9.98 24.47
CA LEU A 32 -8.17 -9.56 23.42
C LEU A 32 -6.91 -9.11 24.13
N PHE A 33 -5.76 -9.64 23.70
CA PHE A 33 -4.44 -9.26 24.23
C PHE A 33 -3.73 -8.42 23.15
N LEU A 34 -3.52 -7.15 23.43
CA LEU A 34 -2.79 -6.24 22.51
C LEU A 34 -1.27 -6.40 22.72
N SER A 35 -0.51 -6.27 21.65
CA SER A 35 0.95 -6.12 21.71
C SER A 35 1.25 -4.82 22.45
N GLU A 36 2.49 -4.69 22.92
CA GLU A 36 3.04 -3.44 23.50
C GLU A 36 2.81 -2.25 22.58
N ASP A 37 3.12 -2.39 21.28
CA ASP A 37 2.97 -1.29 20.28
C ASP A 37 1.49 -1.11 19.86
N ARG A 38 0.57 -1.97 20.30
CA ARG A 38 -0.90 -1.94 19.98
C ARG A 38 -1.16 -2.06 18.46
N ARG A 39 -0.27 -2.72 17.72
CA ARG A 39 -0.37 -2.86 16.24
C ARG A 39 -0.68 -4.32 15.92
N SER A 40 -0.78 -5.19 16.93
CA SER A 40 -1.30 -6.57 16.78
C SER A 40 -2.10 -6.99 18.01
N VAL A 41 -2.87 -8.05 17.86
CA VAL A 41 -3.80 -8.48 18.93
C VAL A 41 -4.04 -9.97 18.75
N ARG A 42 -4.22 -10.67 19.87
CA ARG A 42 -4.66 -12.08 19.84
C ARG A 42 -5.78 -12.26 20.84
N ARG A 43 -6.57 -13.30 20.61
CA ARG A 43 -7.59 -13.76 21.58
C ARG A 43 -6.90 -14.69 22.56
N GLY A 44 -6.91 -14.35 23.85
CA GLY A 44 -6.12 -15.08 24.86
C GLY A 44 -6.97 -16.09 25.62
N PRO A 45 -6.36 -16.84 26.57
CA PRO A 45 -7.04 -17.98 27.19
C PRO A 45 -7.95 -17.54 28.34
N TYR A 46 -7.90 -16.27 28.75
CA TYR A 46 -8.75 -15.75 29.84
C TYR A 46 -9.18 -14.31 29.58
N ARG A 47 -10.13 -13.87 30.38
CA ARG A 47 -10.66 -12.49 30.41
C ARG A 47 -9.71 -11.64 31.26
N GLN A 48 -9.16 -10.57 30.71
CA GLN A 48 -8.23 -9.66 31.42
C GLN A 48 -9.02 -8.75 32.35
N ARG A 49 -8.39 -8.27 33.42
CA ARG A 49 -9.02 -7.31 34.35
C ARG A 49 -8.76 -5.93 33.78
N VAL A 50 -9.71 -5.46 32.98
CA VAL A 50 -9.65 -4.15 32.29
C VAL A 50 -10.85 -3.36 32.79
N PRO A 51 -10.72 -2.02 32.99
CA PRO A 51 -11.79 -1.23 33.58
C PRO A 51 -13.04 -1.46 32.73
N ASP A 52 -14.21 -1.56 33.30
CA ASP A 52 -15.40 -1.38 32.43
C ASP A 52 -15.29 0.07 31.95
N ASN A 53 -15.72 0.32 30.72
CA ASN A 53 -15.95 1.68 30.21
C ASN A 53 -16.85 1.55 29.01
N PRO A 54 -17.65 2.58 28.75
CA PRO A 54 -18.74 2.49 27.78
C PRO A 54 -18.20 2.12 26.39
N GLU A 55 -16.92 2.42 26.13
CA GLU A 55 -16.25 2.28 24.81
C GLU A 55 -15.84 0.82 24.58
N ARG A 56 -15.91 -0.05 25.60
CA ARG A 56 -15.34 -1.42 25.53
C ARG A 56 -16.40 -2.38 25.00
N PHE A 57 -16.04 -3.16 23.97
CA PHE A 57 -16.83 -4.32 23.53
C PHE A 57 -16.83 -5.32 24.70
N ASP A 58 -18.02 -5.71 25.15
CA ASP A 58 -18.15 -6.55 26.37
C ASP A 58 -18.54 -7.98 26.01
N SER A 59 -19.08 -8.28 24.82
CA SER A 59 -19.58 -9.63 24.41
C SER A 59 -18.87 -10.14 23.16
N GLN A 60 -18.68 -9.29 22.16
CA GLN A 60 -18.01 -9.71 20.91
C GLN A 60 -16.52 -9.39 21.03
N PRO A 61 -15.63 -10.28 20.61
CA PRO A 61 -14.19 -10.07 20.76
C PRO A 61 -13.62 -9.11 19.70
N CYS A 62 -13.95 -7.82 19.86
CA CYS A 62 -13.67 -6.72 18.91
C CYS A 62 -12.81 -5.66 19.54
N VAL A 63 -12.20 -4.86 18.66
CA VAL A 63 -11.33 -3.71 19.00
C VAL A 63 -11.30 -2.80 17.78
N LEU A 64 -11.15 -1.49 18.01
CA LEU A 64 -11.15 -0.47 16.94
C LEU A 64 -9.75 0.15 16.85
N GLY A 65 -9.44 0.71 15.70
CA GLY A 65 -8.36 1.66 15.55
C GLY A 65 -8.68 2.88 16.38
N ARG A 66 -7.65 3.53 16.90
CA ARG A 66 -7.73 4.75 17.73
C ARG A 66 -8.24 5.93 16.88
N GLU A 67 -7.84 6.04 15.61
CA GLU A 67 -8.15 7.23 14.78
C GLU A 67 -9.48 7.05 14.05
N SER A 68 -10.27 8.10 13.95
CA SER A 68 -11.55 8.08 13.21
C SER A 68 -11.40 8.90 11.92
N PHE A 69 -12.23 8.63 10.93
CA PHE A 69 -12.21 9.35 9.62
C PHE A 69 -13.60 9.92 9.39
N ALA A 70 -13.67 11.19 8.96
CA ALA A 70 -14.94 11.91 8.69
C ALA A 70 -14.98 12.35 7.23
N SER A 71 -13.87 12.23 6.51
CA SER A 71 -13.78 12.67 5.09
C SER A 71 -12.62 11.95 4.45
N GLY A 72 -12.59 11.91 3.13
CA GLY A 72 -11.43 11.48 2.31
C GLY A 72 -11.34 9.98 2.14
N LYS A 73 -10.28 9.55 1.49
CA LYS A 73 -10.00 8.16 1.10
C LYS A 73 -8.87 7.65 1.96
N HIS A 74 -9.04 6.48 2.56
CA HIS A 74 -8.05 5.93 3.51
C HIS A 74 -7.92 4.43 3.26
N TYR A 75 -6.75 3.86 3.49
CA TYR A 75 -6.65 2.39 3.47
C TYR A 75 -5.55 1.90 4.42
N TRP A 76 -5.73 0.67 4.89
CA TRP A 76 -4.74 -0.02 5.73
C TRP A 76 -4.81 -1.51 5.44
N GLU A 77 -3.77 -2.23 5.83
CA GLU A 77 -3.55 -3.65 5.47
C GLU A 77 -3.44 -4.42 6.78
N VAL A 78 -4.05 -5.59 6.78
CA VAL A 78 -4.15 -6.45 8.00
C VAL A 78 -3.63 -7.83 7.63
N GLU A 79 -2.76 -8.40 8.46
CA GLU A 79 -2.27 -9.79 8.28
C GLU A 79 -3.10 -10.72 9.14
N VAL A 80 -3.70 -11.75 8.53
CA VAL A 80 -4.68 -12.73 9.12
C VAL A 80 -4.15 -14.15 8.87
N GLU A 81 -2.85 -14.30 8.66
CA GLU A 81 -2.23 -15.62 8.39
C GLU A 81 -2.49 -16.56 9.58
N ASN A 82 -3.09 -17.71 9.31
CA ASN A 82 -3.36 -18.79 10.31
C ASN A 82 -4.39 -18.32 11.33
N VAL A 83 -5.22 -17.35 10.97
CA VAL A 83 -6.33 -16.91 11.84
C VAL A 83 -7.59 -17.53 11.21
N MET A 84 -8.26 -18.44 11.92
CA MET A 84 -9.41 -19.19 11.35
C MET A 84 -10.70 -18.35 11.49
N VAL A 85 -10.81 -17.53 12.51
CA VAL A 85 -12.06 -16.73 12.73
C VAL A 85 -11.68 -15.26 12.94
N TRP A 86 -11.99 -14.42 11.96
CA TRP A 86 -11.66 -12.98 11.95
C TRP A 86 -12.68 -12.15 11.17
N THR A 87 -12.83 -10.88 11.56
CA THR A 87 -13.60 -9.86 10.81
C THR A 87 -12.76 -8.59 10.72
N VAL A 88 -12.67 -8.00 9.52
CA VAL A 88 -12.02 -6.67 9.36
C VAL A 88 -13.02 -5.79 8.66
N GLY A 89 -12.91 -4.49 8.88
CA GLY A 89 -13.65 -3.54 8.05
C GLY A 89 -13.69 -2.21 8.75
N VAL A 90 -14.86 -1.57 8.71
CA VAL A 90 -15.09 -0.17 9.15
C VAL A 90 -16.39 -0.12 9.93
N CYS A 91 -16.44 0.70 10.97
CA CYS A 91 -17.70 0.87 11.75
C CYS A 91 -17.84 2.34 12.16
N ARG A 92 -19.07 2.78 12.33
CA ARG A 92 -19.36 4.11 12.93
C ARG A 92 -18.71 4.14 14.30
N HIS A 93 -18.13 5.27 14.69
N HIS A 93 -18.11 5.24 14.70
CA HIS A 93 -17.62 5.52 16.06
CA HIS A 93 -17.59 5.39 16.08
C HIS A 93 -18.67 5.13 17.10
C HIS A 93 -18.69 4.98 17.06
N SER A 94 -19.96 5.35 16.79
CA SER A 94 -21.06 5.23 17.77
C SER A 94 -21.78 3.88 17.70
N VAL A 95 -21.19 2.83 17.14
CA VAL A 95 -21.88 1.53 17.12
C VAL A 95 -22.10 1.07 18.56
N GLU A 96 -23.15 0.28 18.78
CA GLU A 96 -23.42 -0.39 20.08
C GLU A 96 -22.21 -1.27 20.45
N ARG A 97 -21.61 -1.01 21.63
CA ARG A 97 -20.48 -1.77 22.24
C ARG A 97 -20.97 -2.93 23.12
N LYS A 98 -22.15 -2.79 23.72
CA LYS A 98 -22.63 -3.66 24.81
C LYS A 98 -23.59 -4.70 24.23
N GLY A 99 -23.43 -5.96 24.64
CA GLY A 99 -24.33 -7.05 24.28
C GLY A 99 -23.99 -7.65 22.93
N GLU A 100 -24.79 -8.64 22.52
CA GLU A 100 -24.68 -9.36 21.23
C GLU A 100 -25.22 -8.42 20.15
N VAL A 101 -24.32 -7.74 19.45
CA VAL A 101 -24.70 -6.83 18.32
C VAL A 101 -24.41 -7.59 17.03
N LEU A 102 -25.38 -7.64 16.12
CA LEU A 102 -25.18 -8.16 14.76
C LEU A 102 -24.25 -7.21 13.99
N LEU A 103 -23.17 -7.74 13.43
CA LEU A 103 -22.12 -6.91 12.79
C LEU A 103 -22.50 -6.69 11.32
N ILE A 104 -23.55 -5.90 11.12
CA ILE A 104 -24.22 -5.71 9.80
C ILE A 104 -24.31 -4.22 9.51
N PRO A 105 -24.45 -3.81 8.23
CA PRO A 105 -24.53 -2.40 7.87
C PRO A 105 -25.58 -1.61 8.66
N GLN A 106 -26.75 -2.22 8.85
CA GLN A 106 -27.88 -1.65 9.64
C GLN A 106 -27.38 -1.12 10.97
N ASN A 107 -26.41 -1.78 11.61
CA ASN A 107 -25.91 -1.38 12.96
C ASN A 107 -24.60 -0.63 12.82
N GLY A 108 -24.22 -0.19 11.61
CA GLY A 108 -23.02 0.64 11.37
C GLY A 108 -21.73 -0.15 11.24
N PHE A 109 -21.79 -1.41 10.78
CA PHE A 109 -20.61 -2.31 10.54
C PHE A 109 -20.57 -2.70 9.05
N TRP A 110 -19.42 -2.42 8.41
CA TRP A 110 -19.11 -2.84 7.01
C TRP A 110 -17.87 -3.71 7.07
N THR A 111 -18.04 -5.01 6.82
CA THR A 111 -17.04 -6.03 7.18
C THR A 111 -16.88 -7.12 6.11
N LEU A 112 -15.73 -7.77 6.19
CA LEU A 112 -15.40 -9.07 5.56
C LEU A 112 -14.92 -9.97 6.69
N GLU A 113 -15.30 -11.23 6.67
CA GLU A 113 -14.98 -12.15 7.77
C GLU A 113 -14.57 -13.49 7.18
N MET A 114 -13.74 -14.24 7.91
CA MET A 114 -13.58 -15.69 7.69
C MET A 114 -14.42 -16.39 8.76
N PHE A 115 -15.24 -17.34 8.33
CA PHE A 115 -16.25 -18.05 9.14
C PHE A 115 -16.47 -19.44 8.54
N GLY A 116 -16.14 -20.47 9.31
CA GLY A 116 -16.27 -21.88 8.93
C GLY A 116 -15.51 -22.20 7.65
N ASN A 117 -14.30 -21.68 7.50
CA ASN A 117 -13.47 -21.85 6.28
C ASN A 117 -14.14 -21.20 5.06
N GLN A 118 -14.94 -20.16 5.25
CA GLN A 118 -15.60 -19.43 4.16
C GLN A 118 -15.41 -17.95 4.38
N TYR A 119 -15.36 -17.21 3.30
CA TYR A 119 -15.29 -15.74 3.34
C TYR A 119 -16.69 -15.19 3.09
N ARG A 120 -17.14 -14.30 3.97
CA ARG A 120 -18.50 -13.74 3.97
C ARG A 120 -18.42 -12.21 4.11
N ALA A 121 -19.06 -11.51 3.19
CA ALA A 121 -19.26 -10.05 3.27
C ALA A 121 -20.40 -9.77 4.22
N LEU A 122 -20.32 -8.66 4.95
CA LEU A 122 -21.46 -8.12 5.76
C LEU A 122 -21.90 -9.16 6.79
N SER A 123 -21.01 -10.07 7.19
CA SER A 123 -21.23 -11.04 8.29
C SER A 123 -22.50 -11.85 8.00
N SER A 124 -22.74 -12.21 6.73
CA SER A 124 -23.99 -12.82 6.24
C SER A 124 -23.71 -14.14 5.53
N PRO A 125 -24.44 -15.23 5.84
CA PRO A 125 -24.32 -16.49 5.09
C PRO A 125 -24.89 -16.39 3.67
N GLU A 126 -25.49 -15.26 3.28
CA GLU A 126 -26.02 -15.05 1.89
C GLU A 126 -25.01 -14.23 1.06
N ARG A 127 -23.78 -14.04 1.55
CA ARG A 127 -22.76 -13.15 0.93
C ARG A 127 -21.42 -13.87 0.93
N ILE A 128 -21.43 -15.17 0.59
CA ILE A 128 -20.21 -16.01 0.55
C ILE A 128 -19.42 -15.60 -0.70
N LEU A 129 -18.14 -15.27 -0.54
CA LEU A 129 -17.24 -14.85 -1.65
C LEU A 129 -16.40 -16.04 -2.09
N PRO A 130 -16.57 -16.52 -3.35
CA PRO A 130 -15.91 -17.75 -3.80
C PRO A 130 -14.44 -17.58 -4.16
N LEU A 131 -13.57 -17.21 -3.21
CA LEU A 131 -12.13 -16.95 -3.47
C LEU A 131 -11.41 -18.29 -3.78
N LYS A 132 -10.40 -18.22 -4.63
CA LYS A 132 -9.59 -19.37 -5.10
C LYS A 132 -8.44 -19.64 -4.13
N GLU A 133 -8.12 -18.68 -3.26
CA GLU A 133 -6.93 -18.72 -2.38
C GLU A 133 -7.31 -18.30 -0.96
N SER A 134 -6.48 -18.70 0.00
CA SER A 134 -6.57 -18.31 1.42
C SER A 134 -5.94 -16.91 1.54
N LEU A 135 -6.67 -15.96 2.14
CA LEU A 135 -6.21 -14.56 2.31
C LEU A 135 -5.19 -14.52 3.44
N CYS A 136 -4.11 -13.77 3.23
N CYS A 136 -4.11 -13.77 3.23
CA CYS A 136 -3.00 -13.56 4.20
CA CYS A 136 -3.00 -13.56 4.22
C CYS A 136 -2.89 -12.08 4.57
C CYS A 136 -2.89 -12.08 4.57
N ARG A 137 -2.85 -11.21 3.57
CA ARG A 137 -2.79 -9.73 3.79
C ARG A 137 -4.01 -9.11 3.10
N VAL A 138 -4.87 -8.50 3.91
CA VAL A 138 -6.17 -7.93 3.45
C VAL A 138 -6.10 -6.40 3.55
N GLY A 139 -6.37 -5.74 2.42
CA GLY A 139 -6.45 -4.27 2.36
C GLY A 139 -7.87 -3.80 2.65
N VAL A 140 -8.01 -2.89 3.60
CA VAL A 140 -9.31 -2.26 3.94
C VAL A 140 -9.27 -0.82 3.41
N PHE A 141 -10.15 -0.50 2.47
CA PHE A 141 -10.23 0.79 1.77
C PHE A 141 -11.54 1.50 2.14
N LEU A 142 -11.44 2.80 2.42
CA LEU A 142 -12.56 3.69 2.78
C LEU A 142 -12.55 4.89 1.86
N ASP A 143 -13.67 5.17 1.18
CA ASP A 143 -13.93 6.48 0.54
C ASP A 143 -15.15 7.06 1.22
N TYR A 144 -14.94 7.94 2.20
CA TYR A 144 -16.00 8.44 3.11
C TYR A 144 -17.16 9.04 2.29
N GLU A 145 -16.89 10.06 1.48
CA GLU A 145 -17.91 10.81 0.70
C GLU A 145 -18.61 9.89 -0.30
N ALA A 146 -17.93 8.87 -0.82
CA ALA A 146 -18.50 7.92 -1.81
C ALA A 146 -19.28 6.81 -1.10
N GLY A 147 -19.19 6.70 0.22
CA GLY A 147 -19.90 5.66 1.00
C GLY A 147 -19.30 4.27 0.73
N ASP A 148 -18.00 4.24 0.43
CA ASP A 148 -17.29 3.04 -0.10
C ASP A 148 -16.45 2.40 0.99
N VAL A 149 -16.76 1.16 1.33
CA VAL A 149 -15.87 0.25 2.09
C VAL A 149 -15.58 -0.93 1.17
N SER A 150 -14.31 -1.13 0.84
CA SER A 150 -13.81 -2.11 -0.15
C SER A 150 -12.72 -2.95 0.53
N PHE A 151 -12.55 -4.19 0.06
CA PHE A 151 -11.52 -5.14 0.55
C PHE A 151 -10.70 -5.63 -0.62
N TYR A 152 -9.40 -5.78 -0.39
CA TYR A 152 -8.41 -6.21 -1.41
C TYR A 152 -7.58 -7.34 -0.84
N ASN A 153 -7.22 -8.24 -1.73
CA ASN A 153 -6.18 -9.26 -1.48
C ASN A 153 -4.83 -8.64 -1.83
N MET A 154 -4.00 -8.31 -0.84
CA MET A 154 -2.79 -7.50 -1.08
C MET A 154 -1.64 -8.37 -1.62
N ARG A 155 -1.86 -9.67 -1.85
CA ARG A 155 -0.85 -10.48 -2.56
C ARG A 155 -0.71 -9.97 -4.01
N ASP A 156 -1.82 -9.86 -4.72
CA ASP A 156 -1.86 -9.37 -6.12
C ASP A 156 -2.64 -8.04 -6.19
N ARG A 157 -3.02 -7.44 -5.06
CA ARG A 157 -3.74 -6.14 -5.01
C ARG A 157 -5.07 -6.23 -5.77
N SER A 158 -5.67 -7.40 -5.78
CA SER A 158 -6.91 -7.70 -6.52
C SER A 158 -8.11 -7.35 -5.63
N HIS A 159 -9.18 -6.85 -6.24
CA HIS A 159 -10.42 -6.45 -5.54
C HIS A 159 -11.10 -7.72 -5.00
N ILE A 160 -11.54 -7.72 -3.73
CA ILE A 160 -12.40 -8.80 -3.15
C ILE A 160 -13.86 -8.34 -3.19
N TYR A 161 -14.20 -7.20 -2.58
CA TYR A 161 -15.61 -6.80 -2.35
C TYR A 161 -15.74 -5.32 -2.06
N THR A 162 -16.81 -4.72 -2.56
CA THR A 162 -17.25 -3.38 -2.08
C THR A 162 -18.67 -3.52 -1.55
N CYS A 163 -18.88 -3.08 -0.31
CA CYS A 163 -20.20 -3.11 0.32
C CYS A 163 -21.13 -2.19 -0.46
N PRO A 164 -22.45 -2.47 -0.45
CA PRO A 164 -23.44 -1.51 -0.94
C PRO A 164 -23.12 -0.14 -0.33
N ARG A 165 -23.16 0.92 -1.14
CA ARG A 165 -22.74 2.25 -0.69
C ARG A 165 -23.70 2.72 0.40
N SER A 166 -23.14 3.28 1.47
CA SER A 166 -23.89 3.68 2.68
C SER A 166 -23.45 5.09 3.04
N ALA A 167 -24.41 5.91 3.49
CA ALA A 167 -24.13 7.20 4.14
C ALA A 167 -23.60 6.92 5.53
N PHE A 168 -22.30 7.14 5.74
CA PHE A 168 -21.63 6.90 7.05
C PHE A 168 -22.25 7.82 8.10
N THR A 169 -22.52 9.07 7.75
N THR A 169 -22.52 9.09 7.74
CA THR A 169 -23.25 10.05 8.61
CA THR A 169 -23.20 10.10 8.58
C THR A 169 -22.30 10.57 9.71
C THR A 169 -22.29 10.58 9.72
N VAL A 170 -21.60 9.68 10.42
CA VAL A 170 -20.70 10.03 11.56
C VAL A 170 -19.29 9.56 11.22
N PRO A 171 -18.26 9.98 11.97
CA PRO A 171 -16.91 9.44 11.78
C PRO A 171 -16.87 7.92 11.92
N VAL A 172 -15.98 7.28 11.16
CA VAL A 172 -15.84 5.80 11.16
C VAL A 172 -14.43 5.45 11.64
N ARG A 173 -14.27 4.22 12.08
CA ARG A 173 -13.03 3.70 12.69
C ARG A 173 -12.69 2.34 12.06
N PRO A 174 -11.39 1.99 11.96
CA PRO A 174 -11.01 0.61 11.68
C PRO A 174 -11.64 -0.33 12.71
N PHE A 175 -12.27 -1.41 12.22
CA PHE A 175 -12.98 -2.42 13.04
C PHE A 175 -12.28 -3.76 12.86
N PHE A 176 -12.14 -4.51 13.97
CA PHE A 176 -11.56 -5.88 13.95
C PHE A 176 -12.34 -6.74 14.92
N ARG A 177 -12.52 -8.00 14.55
CA ARG A 177 -13.02 -9.06 15.44
C ARG A 177 -12.08 -10.24 15.29
N LEU A 178 -11.67 -10.81 16.41
CA LEU A 178 -10.78 -12.00 16.42
C LEU A 178 -11.45 -13.09 17.25
N GLY A 179 -12.08 -14.08 16.58
CA GLY A 179 -12.82 -15.19 17.21
C GLY A 179 -11.95 -16.35 17.67
N SER A 180 -10.86 -16.68 16.96
CA SER A 180 -10.01 -17.88 17.24
C SER A 180 -8.84 -17.52 18.16
N ASP A 181 -8.38 -18.45 18.99
CA ASP A 181 -7.30 -18.24 20.00
C ASP A 181 -5.98 -18.78 19.43
N ASP A 182 -5.89 -18.89 18.11
CA ASP A 182 -4.76 -19.51 17.38
C ASP A 182 -3.65 -18.47 17.20
N SER A 183 -3.89 -17.45 16.38
CA SER A 183 -2.83 -16.56 15.86
C SER A 183 -3.26 -15.10 16.01
N PRO A 184 -2.25 -14.21 16.11
CA PRO A 184 -2.52 -12.79 16.18
C PRO A 184 -2.95 -12.30 14.79
N ILE A 185 -3.71 -11.21 14.78
CA ILE A 185 -3.89 -10.27 13.64
C ILE A 185 -2.82 -9.17 13.81
N PHE A 186 -2.21 -8.75 12.71
CA PHE A 186 -1.21 -7.68 12.65
C PHE A 186 -1.74 -6.57 11.75
N ILE A 187 -1.76 -5.34 12.23
CA ILE A 187 -2.05 -4.16 11.37
C ILE A 187 -0.70 -3.60 10.89
N CYS A 188 -0.46 -3.73 9.60
CA CYS A 188 0.78 -3.30 8.90
C CYS A 188 0.92 -1.81 9.15
N PRO A 189 2.00 -1.38 9.84
CA PRO A 189 2.26 0.05 10.01
C PRO A 189 2.48 0.74 8.66
N ALA A 190 2.11 2.01 8.57
CA ALA A 190 2.42 2.86 7.40
C ALA A 190 3.94 2.84 7.21
N LEU A 191 4.42 2.70 5.98
CA LEU A 191 5.86 2.81 5.62
C LEU A 191 6.33 4.19 6.09
N THR A 192 7.54 4.27 6.64
CA THR A 192 8.11 5.51 7.23
C THR A 192 9.52 5.81 6.70
N GLY A 193 10.05 5.00 5.77
CA GLY A 193 11.44 5.10 5.30
C GLY A 193 12.37 5.21 6.50
N ALA A 194 13.31 6.15 6.47
CA ALA A 194 14.34 6.36 7.52
C ALA A 194 13.87 7.37 8.57
N SER A 195 12.58 7.60 8.73
CA SER A 195 12.10 8.50 9.80
C SER A 195 12.63 7.98 11.13
N GLY A 196 13.34 8.83 11.90
CA GLY A 196 13.84 8.56 13.26
C GLY A 196 15.05 7.63 13.29
N VAL A 197 15.76 7.48 12.15
CA VAL A 197 16.94 6.59 11.97
C VAL A 197 18.03 7.41 11.26
N THR A 198 19.28 7.35 11.74
CA THR A 198 20.46 7.94 11.06
C THR A 198 20.67 7.19 9.73
N VAL A 199 20.69 7.93 8.63
CA VAL A 199 21.13 7.43 7.29
C VAL A 199 22.64 7.67 7.21
N PRO A 200 23.48 6.61 7.16
CA PRO A 200 24.91 6.79 6.96
C PRO A 200 25.15 7.34 5.55
N GLU A 201 26.32 7.96 5.32
CA GLU A 201 26.77 8.46 3.98
C GLU A 201 26.75 7.33 2.93
N GLU A 202 26.74 6.07 3.38
CA GLU A 202 26.63 4.84 2.56
C GLU A 202 25.15 4.59 2.23
N GLY A 203 24.23 5.34 2.85
CA GLY A 203 22.79 5.05 2.85
C GLY A 203 22.48 3.89 3.79
N LEU A 204 21.22 3.75 4.20
CA LEU A 204 20.73 2.72 5.17
C LEU A 204 20.32 1.45 4.41
N LYS A 205 20.80 0.27 4.87
CA LYS A 205 20.65 -1.05 4.21
C LYS A 205 19.90 -2.03 5.13
N LEU A 206 19.00 -2.84 4.56
CA LEU A 206 18.12 -3.86 5.20
C LEU A 206 17.83 -3.52 6.67
N HIS A 207 17.25 -2.35 6.94
CA HIS A 207 16.78 -1.88 8.28
C HIS A 207 15.77 -2.87 8.88
N ARG A 208 15.94 -3.25 10.16
CA ARG A 208 15.09 -4.25 10.89
C ARG A 208 14.87 -3.81 12.34
N ARG B 13 -1.54 16.88 6.18
CA ARG B 13 -0.51 17.33 7.15
C ARG B 13 0.73 16.42 7.02
N THR B 14 0.71 15.28 7.71
CA THR B 14 1.84 14.31 7.90
C THR B 14 1.37 12.90 7.51
N PHE B 15 0.40 12.82 6.61
CA PHE B 15 -0.18 11.58 6.08
C PHE B 15 0.78 11.02 5.04
N LEU B 16 0.90 9.70 4.99
CA LEU B 16 1.47 9.02 3.81
C LEU B 16 0.40 8.96 2.70
N HIS B 17 0.75 9.43 1.50
N HIS B 17 0.73 9.46 1.51
CA HIS B 17 -0.02 9.30 0.23
CA HIS B 17 -0.08 9.30 0.28
C HIS B 17 0.39 8.00 -0.46
C HIS B 17 0.37 8.02 -0.45
N ALA B 18 -0.59 7.17 -0.82
CA ALA B 18 -0.38 6.01 -1.72
C ALA B 18 -0.61 6.55 -3.13
N ALA B 19 0.46 6.87 -3.83
CA ALA B 19 0.41 7.65 -5.09
C ALA B 19 -0.10 6.76 -6.21
N ASP B 20 -0.81 7.38 -7.15
CA ASP B 20 -1.24 6.72 -8.40
C ASP B 20 -0.29 7.24 -9.49
N VAL B 21 0.55 6.36 -10.05
CA VAL B 21 1.59 6.75 -11.05
C VAL B 21 1.25 6.20 -12.44
N VAL B 22 1.11 7.10 -13.41
CA VAL B 22 0.94 6.83 -14.86
C VAL B 22 2.22 7.30 -15.56
N LEU B 23 2.76 6.48 -16.46
CA LEU B 23 4.00 6.78 -17.22
C LEU B 23 3.75 7.91 -18.23
N ASP B 24 4.80 8.68 -18.51
CA ASP B 24 4.77 9.86 -19.41
C ASP B 24 5.39 9.49 -20.76
N PRO B 25 4.58 9.29 -21.82
CA PRO B 25 5.09 8.86 -23.12
C PRO B 25 6.09 9.85 -23.76
N ASP B 26 6.00 11.14 -23.42
CA ASP B 26 6.86 12.19 -23.99
C ASP B 26 8.28 12.08 -23.44
N THR B 27 8.48 11.38 -22.34
CA THR B 27 9.82 11.19 -21.73
C THR B 27 10.45 9.86 -22.17
N ALA B 28 9.66 8.94 -22.72
CA ALA B 28 10.07 7.53 -22.92
C ALA B 28 11.06 7.43 -24.08
N HIS B 29 12.29 6.99 -23.79
CA HIS B 29 13.25 6.47 -24.81
C HIS B 29 12.47 5.70 -25.88
N PRO B 30 12.81 5.85 -27.18
CA PRO B 30 12.00 5.26 -28.25
C PRO B 30 11.90 3.71 -28.27
N GLU B 31 12.84 3.01 -27.64
CA GLU B 31 12.81 1.52 -27.54
C GLU B 31 11.74 1.08 -26.53
N LEU B 32 11.29 1.99 -25.65
CA LEU B 32 10.24 1.66 -24.64
C LEU B 32 8.85 1.79 -25.29
N PHE B 33 8.04 0.73 -25.14
CA PHE B 33 6.62 0.69 -25.57
C PHE B 33 5.74 0.77 -24.32
N LEU B 34 4.90 1.81 -24.21
CA LEU B 34 3.92 2.00 -23.11
C LEU B 34 2.64 1.24 -23.42
N SER B 35 2.05 0.58 -22.42
CA SER B 35 0.70 -0.01 -22.56
C SER B 35 -0.28 1.11 -22.92
N GLU B 36 -1.52 0.74 -23.27
CA GLU B 36 -2.60 1.70 -23.63
C GLU B 36 -2.98 2.52 -22.38
N ASP B 37 -2.97 1.89 -21.20
CA ASP B 37 -3.30 2.56 -19.90
C ASP B 37 -2.08 3.29 -19.35
N ARG B 38 -0.89 3.12 -19.95
CA ARG B 38 0.36 3.85 -19.60
C ARG B 38 0.81 3.48 -18.19
N ARG B 39 0.32 2.37 -17.65
CA ARG B 39 0.71 1.91 -16.29
C ARG B 39 1.75 0.79 -16.38
N SER B 40 2.15 0.40 -17.59
CA SER B 40 3.23 -0.60 -17.80
C SER B 40 4.02 -0.23 -19.06
N VAL B 41 5.26 -0.71 -19.10
CA VAL B 41 6.21 -0.46 -20.22
C VAL B 41 7.04 -1.73 -20.45
N ARG B 42 7.36 -2.02 -21.72
CA ARG B 42 8.30 -3.10 -22.12
C ARG B 42 9.22 -2.54 -23.21
N ARG B 43 10.48 -2.97 -23.22
CA ARG B 43 11.46 -2.71 -24.30
C ARG B 43 11.09 -3.60 -25.49
N GLY B 44 10.65 -2.97 -26.59
CA GLY B 44 10.07 -3.63 -27.76
C GLY B 44 11.09 -3.70 -28.90
N PRO B 45 10.71 -4.28 -30.05
CA PRO B 45 11.67 -4.92 -30.94
C PRO B 45 12.43 -3.97 -31.90
N TYR B 46 12.35 -2.65 -31.69
CA TYR B 46 12.99 -1.63 -32.54
C TYR B 46 12.89 -0.26 -31.86
N ARG B 47 13.07 0.80 -32.65
CA ARG B 47 13.09 2.22 -32.22
C ARG B 47 11.87 2.92 -32.85
N GLN B 48 10.81 3.13 -32.06
CA GLN B 48 9.56 3.78 -32.53
C GLN B 48 9.88 5.11 -33.22
N ARG B 49 8.98 5.56 -34.11
CA ARG B 49 9.08 6.86 -34.82
C ARG B 49 8.45 7.94 -33.92
N VAL B 50 9.20 8.35 -32.91
CA VAL B 50 8.81 9.37 -31.90
C VAL B 50 9.78 10.54 -32.01
N PRO B 51 9.28 11.79 -31.94
CA PRO B 51 10.13 12.98 -31.98
C PRO B 51 11.22 12.93 -30.90
N ASP B 52 12.36 13.57 -31.13
CA ASP B 52 13.39 13.76 -30.07
C ASP B 52 13.07 15.05 -29.30
N ASN B 53 11.88 15.15 -28.71
CA ASN B 53 11.52 16.30 -27.82
C ASN B 53 12.54 16.34 -26.67
N PRO B 54 12.79 17.53 -26.06
CA PRO B 54 13.81 17.68 -25.02
C PRO B 54 13.55 16.92 -23.70
N GLU B 55 12.32 16.47 -23.45
CA GLU B 55 12.00 15.70 -22.21
C GLU B 55 12.26 14.21 -22.42
N ARG B 56 12.58 13.77 -23.65
CA ARG B 56 12.75 12.35 -23.99
C ARG B 56 14.19 11.92 -23.70
N PHE B 57 14.37 10.84 -22.94
CA PHE B 57 15.70 10.18 -22.78
C PHE B 57 16.08 9.63 -24.15
N ASP B 58 17.22 10.04 -24.75
CA ASP B 58 17.55 9.64 -26.15
C ASP B 58 18.48 8.44 -26.19
N SER B 59 19.26 8.18 -25.11
CA SER B 59 20.25 7.07 -25.00
C SER B 59 19.82 6.06 -23.92
N GLN B 60 19.80 6.47 -22.66
CA GLN B 60 19.35 5.62 -21.52
C GLN B 60 17.89 5.21 -21.77
N PRO B 61 17.57 3.90 -21.68
CA PRO B 61 16.21 3.41 -21.93
C PRO B 61 15.28 3.69 -20.73
N CYS B 62 14.95 4.97 -20.53
CA CYS B 62 14.25 5.48 -19.32
C CYS B 62 12.89 6.07 -19.68
N VAL B 63 12.05 6.23 -18.65
CA VAL B 63 10.72 6.89 -18.72
C VAL B 63 10.41 7.41 -17.31
N LEU B 64 9.70 8.53 -17.20
CA LEU B 64 9.31 9.10 -15.89
C LEU B 64 7.83 8.82 -15.66
N GLY B 65 7.43 8.82 -14.40
CA GLY B 65 6.02 9.02 -14.06
C GLY B 65 5.60 10.44 -14.40
N ARG B 66 4.34 10.62 -14.80
N ARG B 66 4.33 10.64 -14.81
CA ARG B 66 3.80 11.98 -15.13
CA ARG B 66 3.83 12.00 -15.13
C ARG B 66 3.67 12.80 -13.83
C ARG B 66 3.68 12.81 -13.83
N GLU B 67 3.30 12.16 -12.71
CA GLU B 67 3.04 12.92 -11.46
C GLU B 67 4.37 13.43 -10.88
N SER B 68 4.30 14.57 -10.22
CA SER B 68 5.45 15.27 -9.58
C SER B 68 5.02 15.67 -8.18
N PHE B 69 5.92 15.46 -7.23
CA PHE B 69 5.78 15.73 -5.78
C PHE B 69 6.68 16.91 -5.41
N ALA B 70 6.16 17.83 -4.62
CA ALA B 70 6.86 19.07 -4.25
C ALA B 70 6.88 19.21 -2.72
N SER B 71 6.27 18.25 -2.01
CA SER B 71 6.26 18.18 -0.53
C SER B 71 5.59 16.89 -0.06
N GLY B 72 5.75 16.58 1.22
CA GLY B 72 5.04 15.50 1.93
C GLY B 72 5.61 14.14 1.60
N LYS B 73 4.84 13.09 1.91
CA LYS B 73 5.28 11.68 1.85
C LYS B 73 4.41 10.91 0.88
N HIS B 74 5.05 10.16 -0.01
CA HIS B 74 4.42 9.47 -1.15
C HIS B 74 5.11 8.13 -1.32
N TYR B 75 4.35 7.09 -1.68
CA TYR B 75 4.94 5.81 -2.14
C TYR B 75 4.05 5.16 -3.18
N TRP B 76 4.69 4.38 -4.03
CA TRP B 76 4.02 3.59 -5.08
C TRP B 76 4.79 2.27 -5.22
N GLU B 77 4.22 1.32 -5.95
CA GLU B 77 4.71 -0.08 -6.00
C GLU B 77 4.85 -0.48 -7.46
N VAL B 78 5.94 -1.22 -7.74
CA VAL B 78 6.38 -1.58 -9.11
C VAL B 78 6.57 -3.10 -9.18
N GLU B 79 5.90 -3.75 -10.14
CA GLU B 79 6.05 -5.21 -10.39
C GLU B 79 7.19 -5.40 -11.41
N VAL B 80 8.19 -6.21 -11.03
CA VAL B 80 9.46 -6.44 -11.81
C VAL B 80 9.68 -7.94 -11.99
N GLU B 81 8.65 -8.74 -11.80
CA GLU B 81 8.84 -10.20 -11.92
C GLU B 81 9.19 -10.56 -13.36
N ASN B 82 10.28 -11.33 -13.51
CA ASN B 82 10.87 -11.83 -14.78
C ASN B 82 11.50 -10.71 -15.62
N VAL B 83 12.03 -9.69 -14.96
CA VAL B 83 12.79 -8.59 -15.62
C VAL B 83 14.22 -8.75 -15.09
N MET B 84 15.20 -8.86 -15.97
CA MET B 84 16.63 -9.14 -15.59
C MET B 84 17.29 -7.82 -15.17
N VAL B 85 17.09 -6.78 -15.97
CA VAL B 85 17.74 -5.45 -15.82
C VAL B 85 16.64 -4.38 -15.72
N TRP B 86 16.53 -3.75 -14.54
CA TRP B 86 15.57 -2.64 -14.28
C TRP B 86 16.19 -1.69 -13.25
N THR B 87 15.69 -0.46 -13.25
CA THR B 87 15.97 0.61 -12.25
C THR B 87 14.62 1.19 -11.79
N VAL B 88 14.45 1.41 -10.49
CA VAL B 88 13.32 2.23 -9.98
C VAL B 88 13.92 3.29 -9.08
N GLY B 89 13.11 4.31 -8.78
CA GLY B 89 13.50 5.40 -7.88
C GLY B 89 12.78 6.69 -8.21
N VAL B 90 13.39 7.78 -7.77
CA VAL B 90 12.90 9.17 -7.91
C VAL B 90 14.01 9.98 -8.58
N CYS B 91 13.64 10.96 -9.42
CA CYS B 91 14.58 11.98 -9.97
C CYS B 91 14.00 13.40 -9.86
N ARG B 92 14.90 14.38 -9.80
CA ARG B 92 14.50 15.79 -10.04
C ARG B 92 13.74 15.80 -11.36
N HIS B 93 12.65 16.56 -11.42
CA HIS B 93 11.82 16.65 -12.65
C HIS B 93 12.71 17.15 -13.81
N SER B 94 13.74 17.95 -13.51
CA SER B 94 14.54 18.66 -14.53
C SER B 94 15.90 17.99 -14.76
N VAL B 95 16.10 16.71 -14.39
CA VAL B 95 17.39 15.99 -14.65
C VAL B 95 17.73 16.05 -16.16
N GLU B 96 19.02 16.00 -16.50
CA GLU B 96 19.51 15.83 -17.89
C GLU B 96 19.01 14.48 -18.45
N ARG B 97 18.49 14.47 -19.70
CA ARG B 97 17.95 13.28 -20.41
C ARG B 97 18.89 12.75 -21.50
N LYS B 98 19.80 13.59 -22.00
CA LYS B 98 20.42 13.44 -23.37
C LYS B 98 21.85 12.91 -23.21
N GLY B 99 22.17 11.83 -23.92
CA GLY B 99 23.50 11.18 -23.89
C GLY B 99 23.63 10.16 -22.76
N GLU B 100 24.87 9.75 -22.48
CA GLU B 100 25.18 8.66 -21.51
C GLU B 100 25.23 9.27 -20.12
N VAL B 101 24.07 9.59 -19.55
CA VAL B 101 23.95 10.31 -18.25
C VAL B 101 24.19 9.31 -17.11
N LEU B 102 24.91 9.74 -16.07
CA LEU B 102 25.12 8.90 -14.87
C LEU B 102 23.90 9.02 -13.94
N LEU B 103 23.20 7.91 -13.76
CA LEU B 103 21.94 7.78 -12.97
C LEU B 103 22.28 7.71 -11.48
N ILE B 104 22.84 8.80 -10.94
CA ILE B 104 23.37 8.84 -9.54
C ILE B 104 22.80 10.05 -8.83
N PRO B 105 22.90 10.14 -7.47
CA PRO B 105 22.36 11.29 -6.73
C PRO B 105 22.88 12.66 -7.21
N GLN B 106 24.15 12.71 -7.59
CA GLN B 106 24.88 13.97 -7.92
C GLN B 106 24.16 14.65 -9.10
N ASN B 107 23.62 13.88 -10.06
CA ASN B 107 22.84 14.33 -11.24
C ASN B 107 21.33 14.28 -10.96
N GLY B 108 20.92 14.10 -9.70
CA GLY B 108 19.51 14.14 -9.25
C GLY B 108 18.75 12.86 -9.51
N PHE B 109 19.42 11.70 -9.53
CA PHE B 109 18.76 10.37 -9.56
C PHE B 109 19.01 9.58 -8.27
N TRP B 110 17.94 9.06 -7.66
CA TRP B 110 17.96 8.19 -6.45
C TRP B 110 17.27 6.86 -6.79
N THR B 111 18.06 5.80 -6.94
CA THR B 111 17.66 4.59 -7.69
C THR B 111 18.00 3.29 -6.93
N LEU B 112 17.22 2.25 -7.22
CA LEU B 112 17.56 0.83 -7.00
C LEU B 112 17.57 0.17 -8.38
N GLU B 113 18.54 -0.71 -8.64
CA GLU B 113 18.57 -1.45 -9.93
C GLU B 113 18.88 -2.94 -9.69
N MET B 114 18.41 -3.76 -10.64
CA MET B 114 18.92 -5.13 -10.90
C MET B 114 19.83 -5.09 -12.14
N PHE B 115 21.06 -5.63 -11.98
CA PHE B 115 22.19 -5.65 -12.94
C PHE B 115 23.10 -6.83 -12.62
N GLY B 116 23.47 -7.63 -13.62
CA GLY B 116 24.24 -8.88 -13.44
C GLY B 116 23.71 -9.67 -12.25
N ASN B 117 22.40 -9.85 -12.19
CA ASN B 117 21.73 -10.71 -11.19
C ASN B 117 21.94 -10.25 -9.74
N GLN B 118 22.16 -8.95 -9.55
CA GLN B 118 22.33 -8.38 -8.19
C GLN B 118 21.53 -7.09 -8.04
N TYR B 119 21.25 -6.74 -6.79
CA TYR B 119 20.53 -5.51 -6.42
C TYR B 119 21.63 -4.51 -6.08
N ARG B 120 21.52 -3.33 -6.68
CA ARG B 120 22.60 -2.32 -6.55
C ARG B 120 21.93 -0.97 -6.25
N ALA B 121 22.35 -0.37 -5.14
CA ALA B 121 21.95 0.99 -4.67
C ALA B 121 22.63 2.05 -5.55
N LEU B 122 21.92 3.13 -5.86
CA LEU B 122 22.47 4.33 -6.56
C LEU B 122 23.23 3.89 -7.83
N SER B 123 22.66 2.94 -8.58
CA SER B 123 23.20 2.41 -9.86
C SER B 123 24.72 2.22 -9.78
N SER B 124 25.23 1.65 -8.68
CA SER B 124 26.67 1.54 -8.37
C SER B 124 27.08 0.07 -8.26
N PRO B 125 28.25 -0.32 -8.82
CA PRO B 125 28.85 -1.62 -8.53
C PRO B 125 29.46 -1.78 -7.13
N GLU B 126 29.76 -0.69 -6.42
CA GLU B 126 30.35 -0.72 -5.05
C GLU B 126 29.26 -0.71 -3.99
N ARG B 127 28.01 -1.04 -4.35
CA ARG B 127 26.85 -1.02 -3.40
C ARG B 127 25.90 -2.17 -3.73
N ILE B 128 26.31 -3.40 -3.49
CA ILE B 128 25.43 -4.59 -3.69
C ILE B 128 24.56 -4.72 -2.43
N LEU B 129 23.26 -4.98 -2.63
CA LEU B 129 22.30 -5.23 -1.52
C LEU B 129 22.14 -6.74 -1.42
N PRO B 130 22.73 -7.38 -0.40
CA PRO B 130 22.72 -8.84 -0.33
C PRO B 130 21.32 -9.31 0.10
N LEU B 131 20.35 -9.18 -0.81
CA LEU B 131 18.96 -9.64 -0.55
C LEU B 131 18.95 -11.16 -0.67
N LYS B 132 18.38 -11.84 0.33
CA LYS B 132 18.39 -13.32 0.47
C LYS B 132 17.55 -13.92 -0.66
N GLU B 133 16.69 -13.10 -1.28
CA GLU B 133 15.59 -13.55 -2.17
C GLU B 133 15.46 -12.63 -3.39
N SER B 134 14.51 -12.99 -4.27
CA SER B 134 14.15 -12.30 -5.53
C SER B 134 12.98 -11.35 -5.25
N LEU B 135 13.11 -10.08 -5.62
CA LEU B 135 12.07 -9.03 -5.51
C LEU B 135 11.03 -9.20 -6.62
N CYS B 136 9.73 -9.21 -6.29
CA CYS B 136 8.60 -9.31 -7.26
C CYS B 136 7.90 -7.94 -7.34
N ARG B 137 7.61 -7.33 -6.20
CA ARG B 137 6.94 -6.01 -6.14
C ARG B 137 7.78 -5.11 -5.23
N VAL B 138 8.25 -4.00 -5.78
CA VAL B 138 9.12 -3.02 -5.07
C VAL B 138 8.32 -1.77 -4.71
N GLY B 139 8.45 -1.34 -3.47
CA GLY B 139 7.87 -0.10 -2.96
C GLY B 139 8.88 1.01 -3.05
N VAL B 140 8.49 2.16 -3.63
CA VAL B 140 9.36 3.37 -3.75
C VAL B 140 8.77 4.45 -2.83
N PHE B 141 9.51 4.84 -1.82
CA PHE B 141 9.03 5.74 -0.75
C PHE B 141 9.81 7.05 -0.82
N LEU B 142 9.07 8.16 -0.75
CA LEU B 142 9.61 9.53 -0.80
C LEU B 142 9.08 10.29 0.43
N ASP B 143 9.96 10.82 1.26
CA ASP B 143 9.60 11.88 2.23
C ASP B 143 10.31 13.15 1.75
N TYR B 144 9.57 14.10 1.17
CA TYR B 144 10.18 15.25 0.46
C TYR B 144 11.03 16.06 1.44
N GLU B 145 10.42 16.52 2.52
CA GLU B 145 11.09 17.44 3.48
C GLU B 145 12.29 16.76 4.16
N ALA B 146 12.25 15.44 4.36
CA ALA B 146 13.31 14.67 5.08
C ALA B 146 14.44 14.33 4.12
N GLY B 147 14.27 14.53 2.82
CA GLY B 147 15.30 14.20 1.80
C GLY B 147 15.45 12.70 1.62
N ASP B 148 14.34 11.97 1.80
CA ASP B 148 14.40 10.49 1.97
C ASP B 148 13.83 9.83 0.72
N VAL B 149 14.65 9.03 0.05
CA VAL B 149 14.16 8.03 -0.93
C VAL B 149 14.53 6.65 -0.39
N SER B 150 13.53 5.80 -0.18
CA SER B 150 13.67 4.47 0.47
C SER B 150 12.97 3.44 -0.39
N PHE B 151 13.39 2.19 -0.27
CA PHE B 151 12.88 1.09 -1.11
C PHE B 151 12.44 -0.06 -0.19
N TYR B 152 11.43 -0.82 -0.62
CA TYR B 152 10.78 -1.90 0.17
C TYR B 152 10.52 -3.09 -0.73
N ASN B 153 10.67 -4.28 -0.15
CA ASN B 153 10.08 -5.54 -0.65
C ASN B 153 8.62 -5.54 -0.20
N MET B 154 7.68 -5.45 -1.13
CA MET B 154 6.24 -5.42 -0.78
C MET B 154 5.72 -6.84 -0.53
N ARG B 155 6.55 -7.86 -0.67
CA ARG B 155 6.17 -9.25 -0.29
C ARG B 155 5.81 -9.25 1.20
N ASP B 156 6.70 -8.72 2.05
CA ASP B 156 6.55 -8.67 3.52
C ASP B 156 6.81 -7.25 4.05
N ARG B 157 6.91 -6.24 3.17
CA ARG B 157 7.03 -4.80 3.52
C ARG B 157 8.31 -4.55 4.30
N SER B 158 9.37 -5.32 4.00
CA SER B 158 10.72 -5.18 4.61
C SER B 158 11.48 -4.04 3.90
N HIS B 159 12.21 -3.24 4.68
CA HIS B 159 13.14 -2.19 4.19
C HIS B 159 14.27 -2.85 3.38
N ILE B 160 14.66 -2.20 2.28
CA ILE B 160 15.77 -2.64 1.38
C ILE B 160 16.89 -1.62 1.51
N TYR B 161 16.58 -0.35 1.23
CA TYR B 161 17.57 0.75 1.11
C TYR B 161 16.89 2.10 1.35
N THR B 162 17.58 2.98 2.07
CA THR B 162 17.36 4.43 2.07
C THR B 162 18.60 5.12 1.49
N CYS B 163 18.42 5.95 0.47
CA CYS B 163 19.48 6.77 -0.15
C CYS B 163 20.01 7.77 0.86
N PRO B 164 21.30 8.15 0.79
CA PRO B 164 21.81 9.26 1.57
C PRO B 164 20.87 10.46 1.46
N ARG B 165 20.47 11.02 2.61
CA ARG B 165 19.64 12.26 2.69
C ARG B 165 20.17 13.31 1.72
N SER B 166 19.31 13.78 0.80
CA SER B 166 19.58 14.90 -0.14
C SER B 166 18.44 15.93 -0.05
N ALA B 167 18.75 17.22 -0.09
CA ALA B 167 17.78 18.31 -0.35
C ALA B 167 17.41 18.26 -1.85
N PHE B 168 16.13 18.11 -2.14
CA PHE B 168 15.58 17.89 -3.51
C PHE B 168 15.52 19.21 -4.29
N THR B 169 15.12 20.30 -3.61
CA THR B 169 15.11 21.71 -4.09
C THR B 169 13.90 21.99 -4.97
N VAL B 170 13.69 21.17 -5.98
CA VAL B 170 12.58 21.34 -6.98
C VAL B 170 11.66 20.12 -6.87
N PRO B 171 10.52 20.10 -7.59
CA PRO B 171 9.69 18.91 -7.63
C PRO B 171 10.47 17.69 -8.16
N VAL B 172 10.02 16.52 -7.73
CA VAL B 172 10.63 15.22 -8.14
C VAL B 172 9.55 14.36 -8.77
N ARG B 173 10.00 13.38 -9.56
CA ARG B 173 9.12 12.49 -10.34
C ARG B 173 9.55 11.06 -10.11
N PRO B 174 8.63 10.08 -10.25
CA PRO B 174 9.01 8.68 -10.37
C PRO B 174 9.96 8.48 -11.54
N PHE B 175 11.02 7.69 -11.30
CA PHE B 175 12.03 7.30 -12.32
C PHE B 175 12.02 5.78 -12.57
N PHE B 176 12.12 5.41 -13.86
CA PHE B 176 12.18 4.02 -14.34
C PHE B 176 13.20 3.86 -15.48
N ARG B 177 13.87 2.69 -15.47
CA ARG B 177 14.77 2.19 -16.54
C ARG B 177 14.49 0.70 -16.81
N LEU B 178 14.29 0.35 -18.08
CA LEU B 178 14.08 -1.05 -18.51
C LEU B 178 15.24 -1.47 -19.42
N GLY B 179 16.28 -2.09 -18.83
CA GLY B 179 17.43 -2.68 -19.56
C GLY B 179 17.04 -3.87 -20.41
N SER B 180 16.33 -4.84 -19.82
CA SER B 180 16.01 -6.16 -20.42
C SER B 180 14.86 -6.08 -21.42
N ASP B 181 14.80 -7.07 -22.31
CA ASP B 181 13.87 -7.27 -23.45
C ASP B 181 12.72 -8.21 -23.03
N ASP B 182 12.79 -8.70 -21.78
CA ASP B 182 12.31 -10.04 -21.33
C ASP B 182 10.85 -10.00 -20.87
N SER B 183 10.47 -8.99 -20.09
CA SER B 183 9.09 -8.82 -19.55
C SER B 183 8.79 -7.35 -19.33
N PRO B 184 7.51 -6.96 -19.17
CA PRO B 184 7.18 -5.58 -18.86
C PRO B 184 7.49 -5.23 -17.40
N ILE B 185 7.66 -3.95 -17.12
CA ILE B 185 7.52 -3.34 -15.77
C ILE B 185 6.07 -2.85 -15.66
N PHE B 186 5.39 -3.22 -14.57
CA PHE B 186 4.02 -2.77 -14.22
C PHE B 186 4.11 -1.83 -13.00
N ILE B 187 3.49 -0.66 -13.14
CA ILE B 187 3.26 0.27 -11.99
C ILE B 187 1.85 -0.02 -11.45
N CYS B 188 1.79 -0.45 -10.19
CA CYS B 188 0.55 -0.83 -9.48
C CYS B 188 -0.34 0.41 -9.30
N PRO B 189 -1.54 0.45 -9.90
CA PRO B 189 -2.45 1.56 -9.64
C PRO B 189 -2.74 1.59 -8.14
N ALA B 190 -2.89 2.80 -7.57
CA ALA B 190 -3.44 3.01 -6.22
C ALA B 190 -4.81 2.36 -6.17
N LEU B 191 -5.15 1.75 -5.04
CA LEU B 191 -6.50 1.19 -4.76
C LEU B 191 -7.49 2.30 -5.01
N THR B 192 -8.61 2.00 -5.65
CA THR B 192 -9.71 2.98 -5.88
C THR B 192 -11.06 2.50 -5.31
N GLY B 193 -11.17 1.29 -4.76
CA GLY B 193 -12.49 0.77 -4.38
C GLY B 193 -13.39 0.72 -5.60
N ALA B 194 -14.67 1.08 -5.45
CA ALA B 194 -15.68 0.97 -6.53
C ALA B 194 -15.73 2.28 -7.31
N SER B 195 -14.72 3.13 -7.16
CA SER B 195 -14.79 4.52 -7.69
C SER B 195 -15.27 4.47 -9.13
N GLY B 196 -16.38 5.14 -9.44
CA GLY B 196 -16.88 5.30 -10.81
C GLY B 196 -17.61 4.06 -11.32
N VAL B 197 -17.84 3.05 -10.48
CA VAL B 197 -18.50 1.78 -10.85
C VAL B 197 -19.84 1.64 -10.11
N THR B 198 -20.80 0.97 -10.75
CA THR B 198 -22.11 0.61 -10.15
C THR B 198 -21.93 -0.43 -9.05
N VAL B 199 -22.48 -0.19 -7.86
CA VAL B 199 -22.45 -1.18 -6.75
C VAL B 199 -23.88 -1.67 -6.59
N PRO B 200 -24.15 -2.93 -6.97
CA PRO B 200 -25.50 -3.46 -6.95
C PRO B 200 -25.84 -3.83 -5.51
N GLU B 201 -27.00 -4.45 -5.35
CA GLU B 201 -27.65 -4.75 -4.05
C GLU B 201 -26.77 -5.68 -3.18
N GLU B 202 -26.14 -6.68 -3.77
CA GLU B 202 -25.38 -7.70 -3.01
C GLU B 202 -23.95 -7.23 -2.77
N GLY B 203 -23.59 -6.09 -3.33
CA GLY B 203 -22.23 -5.53 -3.29
C GLY B 203 -21.50 -5.85 -4.58
N LEU B 204 -20.31 -5.31 -4.72
CA LEU B 204 -19.44 -5.56 -5.88
C LEU B 204 -18.48 -6.66 -5.48
N LYS B 205 -18.53 -7.80 -6.16
CA LYS B 205 -17.75 -9.02 -5.82
C LYS B 205 -16.64 -9.21 -6.86
N LEU B 206 -15.38 -9.36 -6.44
CA LEU B 206 -14.25 -9.79 -7.31
C LEU B 206 -14.26 -8.99 -8.61
N HIS B 207 -14.21 -7.66 -8.50
CA HIS B 207 -14.05 -6.68 -9.61
C HIS B 207 -12.69 -6.86 -10.31
N ARG B 208 -12.71 -6.77 -11.65
CA ARG B 208 -11.52 -6.91 -12.54
C ARG B 208 -11.74 -6.08 -13.81
#